data_5XE0
#
_entry.id   5XE0
#
_cell.length_a   55.093
_cell.length_b   81.436
_cell.length_c   58.446
_cell.angle_alpha   90.00
_cell.angle_beta   108.66
_cell.angle_gamma   90.00
#
_symmetry.space_group_name_H-M   'P 1 21 1'
#
loop_
_entity.id
_entity.type
_entity.pdbx_description
1 polymer 'Genome polyprotein'
2 non-polymer "GUANOSINE-5'-TRIPHOSPHATE"
3 water water
#
_entity_poly.entity_id   1
_entity_poly.type   'polypeptide(L)'
_entity_poly.pdbx_seq_one_letter_code
;MGEIVSNEKSGVCINAPAKTKLQPSVFHQVFEGSKEPAVLNSKDPRLKTDFEEAIFSKYTGNKIMLMDEYMEEAVDHYVG
CLEPLDISVDPIPLESAMYGMDGLEALDLTTSAGFPYLLQGKKKRDIFNRHTRDTTEMTKMLEKYGVDLPFVTFVKDELR
SKEKVEKGKSRLIEASSLNDSVAMRVAFGNLYATFHSNPGTATGSAVGCDPDIFWSKIPILLDGEIFAFDYTGYDASLSP
VWFACLKKVLIKLGYTHQTSFIDYLCHSVHLYKDRKYIVNGGMPSGSSGTSIFNTMINNIIIRTLLIRVYKGIDLDQFKM
IAYGDDVIASYPHKIDPALLAEAGKHYGLVMTPADKGTSFVDTNWENVTFLKRYFRADDQYPFLIHPVMPMKEIHESIRW
TKDPRNTQDHVRSLCYLAWHNGEEAYNEFCRKIRSVPVGRALTLPAYSSLRRKWLDSFGSSGHHHHHH
;
_entity_poly.pdbx_strand_id   A
#
# COMPACT_ATOMS: atom_id res chain seq x y z
N GLY A 2 7.69 15.91 -0.83
CA GLY A 2 7.41 15.96 -2.25
C GLY A 2 7.01 17.34 -2.73
N GLU A 3 7.65 17.80 -3.80
CA GLU A 3 7.42 19.14 -4.34
C GLU A 3 7.47 19.08 -5.85
N ILE A 4 6.46 19.66 -6.49
CA ILE A 4 6.47 19.81 -7.95
C ILE A 4 7.41 20.94 -8.29
N VAL A 5 8.56 20.60 -8.88
CA VAL A 5 9.58 21.58 -9.22
C VAL A 5 9.50 22.03 -10.67
N SER A 6 8.62 21.44 -11.46
CA SER A 6 8.55 21.73 -12.88
C SER A 6 7.19 21.29 -13.40
N ASN A 7 6.68 22.03 -14.39
CA ASN A 7 5.44 21.67 -15.06
C ASN A 7 5.53 22.21 -16.49
N GLU A 8 5.61 21.30 -17.45
CA GLU A 8 5.87 21.67 -18.84
C GLU A 8 4.85 21.02 -19.75
N LYS A 9 4.89 21.44 -21.01
CA LYS A 9 4.09 20.83 -22.06
C LYS A 9 4.75 19.51 -22.46
N SER A 10 4.03 18.40 -22.27
CA SER A 10 4.64 17.09 -22.47
C SER A 10 4.91 16.81 -23.94
N GLY A 11 4.01 17.24 -24.82
CA GLY A 11 4.04 16.85 -26.22
C GLY A 11 3.09 15.73 -26.56
N VAL A 12 2.46 15.11 -25.56
CA VAL A 12 1.48 14.07 -25.75
C VAL A 12 0.21 14.46 -24.98
N CYS A 13 -0.80 13.60 -25.06
CA CYS A 13 -2.05 13.82 -24.33
C CYS A 13 -2.47 12.52 -23.67
N ILE A 14 -2.74 12.58 -22.36
CA ILE A 14 -3.27 11.46 -21.61
C ILE A 14 -4.76 11.73 -21.41
N ASN A 15 -5.61 10.93 -22.04
CA ASN A 15 -7.05 11.09 -21.96
C ASN A 15 -7.61 10.00 -21.06
N ALA A 16 -7.91 10.35 -19.82
CA ALA A 16 -8.58 9.48 -18.88
C ALA A 16 -10.08 9.65 -18.98
N PRO A 17 -10.87 8.64 -18.58
CA PRO A 17 -12.32 8.75 -18.73
C PRO A 17 -12.92 9.71 -17.71
N ALA A 18 -14.00 10.37 -18.13
CA ALA A 18 -14.66 11.33 -17.27
C ALA A 18 -15.69 10.70 -16.34
N LYS A 19 -16.11 9.46 -16.62
CA LYS A 19 -17.13 8.79 -15.85
C LYS A 19 -16.54 7.58 -15.14
N THR A 20 -16.94 7.39 -13.89
CA THR A 20 -16.47 6.28 -13.09
C THR A 20 -17.08 4.97 -13.55
N LYS A 21 -16.37 3.87 -13.32
CA LYS A 21 -16.90 2.55 -13.60
C LYS A 21 -17.72 2.00 -12.44
N LEU A 22 -17.72 2.65 -11.28
CA LEU A 22 -18.49 2.19 -10.13
C LEU A 22 -19.96 2.50 -10.35
N GLN A 23 -20.76 1.47 -10.58
CA GLN A 23 -22.20 1.60 -10.63
C GLN A 23 -22.82 0.95 -9.39
N PRO A 24 -23.93 1.48 -8.91
CA PRO A 24 -24.60 0.86 -7.75
C PRO A 24 -24.94 -0.59 -8.04
N SER A 25 -24.65 -1.45 -7.07
CA SER A 25 -24.91 -2.88 -7.23
C SER A 25 -26.32 -3.22 -6.76
N VAL A 26 -26.70 -4.48 -6.96
CA VAL A 26 -28.00 -4.97 -6.51
C VAL A 26 -28.17 -4.80 -5.01
N PHE A 27 -27.07 -4.74 -4.25
CA PHE A 27 -27.11 -4.57 -2.81
C PHE A 27 -27.01 -3.11 -2.39
N HIS A 28 -27.23 -2.17 -3.32
CA HIS A 28 -27.13 -0.74 -3.00
C HIS A 28 -28.20 -0.32 -2.00
N GLN A 29 -29.41 -0.85 -2.14
CA GLN A 29 -30.49 -0.54 -1.20
C GLN A 29 -30.49 -1.44 0.02
N VAL A 30 -30.09 -2.70 -0.14
CA VAL A 30 -30.09 -3.65 0.98
C VAL A 30 -29.31 -3.09 2.16
N PHE A 31 -28.01 -2.88 1.97
CA PHE A 31 -27.15 -2.36 3.02
C PHE A 31 -27.09 -0.84 2.94
N GLU A 32 -26.68 -0.23 4.04
CA GLU A 32 -26.53 1.22 4.14
C GLU A 32 -25.08 1.60 3.90
N GLY A 33 -24.89 2.79 3.34
CA GLY A 33 -23.56 3.28 3.07
C GLY A 33 -23.61 4.74 2.63
N SER A 34 -22.49 5.43 2.84
CA SER A 34 -22.39 6.84 2.50
C SER A 34 -21.35 7.15 1.44
N LYS A 35 -20.45 6.23 1.13
CA LYS A 35 -19.40 6.49 0.16
C LYS A 35 -19.96 6.53 -1.26
N GLU A 36 -19.34 7.35 -2.09
CA GLU A 36 -19.67 7.53 -3.49
C GLU A 36 -18.39 7.45 -4.31
N PRO A 37 -18.50 7.21 -5.62
CA PRO A 37 -17.29 7.20 -6.46
C PRO A 37 -16.53 8.52 -6.37
N ALA A 38 -15.20 8.42 -6.42
CA ALA A 38 -14.35 9.58 -6.30
C ALA A 38 -14.52 10.50 -7.51
N VAL A 39 -14.20 11.78 -7.29
CA VAL A 39 -14.28 12.74 -8.38
C VAL A 39 -13.12 12.50 -9.34
N LEU A 40 -13.44 12.33 -10.62
CA LEU A 40 -12.45 12.03 -11.65
C LEU A 40 -12.11 13.22 -12.52
N ASN A 41 -13.04 14.16 -12.69
CA ASN A 41 -12.86 15.29 -13.57
C ASN A 41 -13.18 16.57 -12.81
N SER A 42 -12.69 17.70 -13.32
CA SER A 42 -12.89 18.97 -12.64
C SER A 42 -14.28 19.55 -12.82
N LYS A 43 -15.10 19.01 -13.72
CA LYS A 43 -16.44 19.50 -13.98
C LYS A 43 -17.51 18.68 -13.27
N ASP A 44 -17.16 17.92 -12.24
CA ASP A 44 -18.14 17.08 -11.56
C ASP A 44 -19.00 17.96 -10.66
N PRO A 45 -20.33 17.95 -10.81
CA PRO A 45 -21.18 18.82 -9.99
C PRO A 45 -21.07 18.59 -8.50
N ARG A 46 -20.64 17.41 -8.06
CA ARG A 46 -20.43 17.22 -6.63
C ARG A 46 -19.30 18.06 -6.07
N LEU A 47 -18.47 18.69 -6.89
CA LEU A 47 -17.31 19.38 -6.34
C LEU A 47 -17.72 20.64 -5.58
N LYS A 48 -16.90 20.99 -4.58
CA LYS A 48 -17.07 22.23 -3.83
C LYS A 48 -15.74 22.95 -3.61
N THR A 49 -14.78 22.73 -4.51
CA THR A 49 -13.48 23.39 -4.53
C THR A 49 -12.77 22.93 -5.80
N ASP A 50 -11.64 23.57 -6.09
CA ASP A 50 -10.90 23.25 -7.31
C ASP A 50 -10.37 21.82 -7.23
N PHE A 51 -10.62 21.05 -8.30
CA PHE A 51 -10.20 19.66 -8.31
C PHE A 51 -8.68 19.54 -8.38
N GLU A 52 -8.06 20.18 -9.37
CA GLU A 52 -6.63 20.01 -9.58
C GLU A 52 -5.82 20.63 -8.44
N GLU A 53 -6.36 21.64 -7.76
CA GLU A 53 -5.69 22.17 -6.57
C GLU A 53 -5.71 21.13 -5.45
N ALA A 54 -6.81 20.38 -5.33
CA ALA A 54 -6.96 19.43 -4.23
C ALA A 54 -6.08 18.20 -4.45
N ILE A 55 -6.15 17.60 -5.64
CA ILE A 55 -5.46 16.33 -5.86
C ILE A 55 -3.95 16.48 -5.86
N PHE A 56 -3.43 17.68 -6.15
CA PHE A 56 -1.99 17.89 -6.15
C PHE A 56 -1.48 18.56 -4.88
N SER A 57 -2.36 19.05 -4.01
CA SER A 57 -1.92 19.65 -2.76
C SER A 57 -1.25 18.65 -1.83
N LYS A 58 -1.27 17.36 -2.16
CA LYS A 58 -0.58 16.37 -1.33
C LYS A 58 0.91 16.66 -1.28
N TYR A 59 1.45 17.33 -2.30
CA TYR A 59 2.86 17.72 -2.32
C TYR A 59 3.00 18.96 -1.44
N THR A 60 3.36 18.73 -0.19
CA THR A 60 3.47 19.79 0.81
C THR A 60 4.86 20.42 0.90
N GLY A 61 5.78 20.01 0.03
CA GLY A 61 7.13 20.52 0.05
C GLY A 61 8.11 19.56 0.69
N ASN A 62 9.39 19.91 0.59
CA ASN A 62 10.48 19.08 1.07
C ASN A 62 11.23 19.78 2.19
N LYS A 63 11.83 18.98 3.07
CA LYS A 63 12.77 19.46 4.08
C LYS A 63 14.16 19.10 3.58
N ILE A 64 14.76 20.02 2.83
CA ILE A 64 16.06 19.78 2.21
C ILE A 64 17.12 19.68 3.31
N MET A 65 17.74 18.50 3.42
CA MET A 65 18.73 18.26 4.46
C MET A 65 19.52 17.02 4.10
N LEU A 66 20.77 16.98 4.54
CA LEU A 66 21.56 15.75 4.50
C LEU A 66 21.26 14.92 5.74
N MET A 67 21.45 13.61 5.62
CA MET A 67 21.12 12.67 6.69
C MET A 67 21.75 13.08 8.01
N ASP A 68 20.92 13.26 9.03
CA ASP A 68 21.45 13.58 10.35
C ASP A 68 21.92 12.31 11.05
N GLU A 69 22.35 12.46 12.30
CA GLU A 69 22.94 11.33 13.03
C GLU A 69 21.88 10.30 13.42
N TYR A 70 20.67 10.73 13.73
CA TYR A 70 19.61 9.78 14.07
C TYR A 70 19.32 8.86 12.89
N MET A 71 19.27 9.42 11.68
CA MET A 71 19.06 8.62 10.48
C MET A 71 20.16 7.59 10.31
N GLU A 72 21.42 7.99 10.51
CA GLU A 72 22.53 7.07 10.32
C GLU A 72 22.43 5.88 11.27
N GLU A 73 22.10 6.14 12.54
CA GLU A 73 21.95 5.04 13.50
C GLU A 73 20.72 4.20 13.16
N ALA A 74 19.60 4.86 12.84
CA ALA A 74 18.40 4.15 12.44
C ALA A 74 18.65 3.27 11.22
N VAL A 75 19.43 3.77 10.26
CA VAL A 75 19.78 2.98 9.08
C VAL A 75 20.56 1.74 9.48
N ASP A 76 21.56 1.91 10.34
CA ASP A 76 22.39 0.78 10.77
C ASP A 76 21.55 -0.28 11.46
N HIS A 77 20.65 0.13 12.36
CA HIS A 77 19.87 -0.83 13.13
C HIS A 77 18.96 -1.63 12.22
N TYR A 78 18.30 -0.97 11.26
CA TYR A 78 17.43 -1.69 10.34
C TYR A 78 18.24 -2.65 9.48
N VAL A 79 19.43 -2.22 9.04
CA VAL A 79 20.34 -3.14 8.34
C VAL A 79 20.68 -4.33 9.22
N GLY A 80 20.86 -4.10 10.51
CA GLY A 80 21.15 -5.20 11.42
C GLY A 80 20.00 -6.19 11.53
N CYS A 81 18.77 -5.68 11.56
CA CYS A 81 17.61 -6.57 11.60
C CYS A 81 17.46 -7.34 10.29
N LEU A 82 17.84 -6.74 9.17
CA LEU A 82 17.72 -7.42 7.87
C LEU A 82 18.88 -8.37 7.60
N GLU A 83 20.02 -8.19 8.27
CA GLU A 83 21.19 -9.01 8.00
CA GLU A 83 21.19 -9.01 8.00
C GLU A 83 20.92 -10.51 8.11
N PRO A 84 20.21 -11.02 9.11
CA PRO A 84 20.00 -12.48 9.17
C PRO A 84 19.08 -13.02 8.08
N LEU A 85 18.33 -12.17 7.38
CA LEU A 85 17.47 -12.66 6.31
C LEU A 85 18.26 -13.10 5.09
N ASP A 86 19.50 -12.65 4.95
CA ASP A 86 20.40 -13.08 3.89
C ASP A 86 19.84 -12.72 2.51
N ILE A 87 19.51 -11.44 2.34
CA ILE A 87 18.95 -10.97 1.08
C ILE A 87 20.02 -11.04 -0.01
N SER A 88 19.66 -11.63 -1.15
CA SER A 88 20.56 -11.74 -2.28
C SER A 88 20.35 -10.55 -3.21
N VAL A 89 21.41 -9.76 -3.42
CA VAL A 89 21.33 -8.63 -4.36
C VAL A 89 21.45 -9.07 -5.80
N ASP A 90 21.54 -10.37 -6.07
CA ASP A 90 21.61 -10.85 -7.43
C ASP A 90 20.30 -10.58 -8.17
N PRO A 91 20.35 -10.39 -9.48
CA PRO A 91 19.11 -10.21 -10.25
C PRO A 91 18.43 -11.54 -10.52
N ILE A 92 17.10 -11.49 -10.60
CA ILE A 92 16.31 -12.67 -10.92
C ILE A 92 16.12 -12.71 -12.43
N PRO A 93 15.98 -13.88 -13.04
CA PRO A 93 15.77 -13.94 -14.49
C PRO A 93 14.55 -13.17 -14.93
N LEU A 94 14.57 -12.76 -16.20
CA LEU A 94 13.49 -11.95 -16.75
C LEU A 94 12.15 -12.67 -16.67
N GLU A 95 12.16 -13.99 -16.85
CA GLU A 95 10.92 -14.75 -16.79
C GLU A 95 10.28 -14.68 -15.42
N SER A 96 11.10 -14.70 -14.36
CA SER A 96 10.56 -14.64 -13.01
C SER A 96 10.03 -13.25 -12.68
N ALA A 97 10.73 -12.20 -13.10
CA ALA A 97 10.23 -10.84 -12.88
C ALA A 97 8.90 -10.63 -13.58
N MET A 98 8.73 -11.22 -14.75
CA MET A 98 7.49 -11.08 -15.50
C MET A 98 6.39 -11.98 -14.95
N TYR A 99 6.69 -13.28 -14.81
CA TYR A 99 5.65 -14.28 -14.58
C TYR A 99 5.65 -14.88 -13.18
N GLY A 100 6.66 -14.61 -12.36
CA GLY A 100 6.58 -14.98 -10.97
C GLY A 100 7.56 -16.10 -10.60
N MET A 101 7.89 -16.13 -9.32
CA MET A 101 8.74 -17.16 -8.73
C MET A 101 8.31 -17.35 -7.29
N ASP A 102 9.05 -18.19 -6.57
CA ASP A 102 8.82 -18.36 -5.14
C ASP A 102 8.85 -17.03 -4.41
N GLY A 103 7.74 -16.67 -3.78
CA GLY A 103 7.66 -15.43 -3.04
C GLY A 103 7.36 -14.19 -3.86
N LEU A 104 7.08 -14.34 -5.15
CA LEU A 104 6.80 -13.21 -6.01
C LEU A 104 5.68 -13.58 -6.98
N GLU A 105 4.53 -12.94 -6.82
CA GLU A 105 3.41 -13.18 -7.74
C GLU A 105 3.74 -12.64 -9.13
N ALA A 106 3.09 -13.23 -10.13
CA ALA A 106 3.21 -12.75 -11.49
C ALA A 106 2.79 -11.28 -11.57
N LEU A 107 3.46 -10.53 -12.43
CA LEU A 107 3.12 -9.12 -12.62
C LEU A 107 1.65 -9.00 -13.03
N ASP A 108 0.94 -8.09 -12.39
CA ASP A 108 -0.49 -7.93 -12.62
C ASP A 108 -0.74 -7.46 -14.05
N LEU A 109 -1.48 -8.27 -14.82
CA LEU A 109 -1.76 -7.97 -16.22
C LEU A 109 -2.92 -7.01 -16.41
N THR A 110 -3.70 -6.72 -15.36
CA THR A 110 -4.93 -5.97 -15.50
C THR A 110 -4.75 -4.45 -15.49
N THR A 111 -3.56 -3.97 -15.13
CA THR A 111 -3.31 -2.54 -15.03
C THR A 111 -2.57 -2.03 -16.26
N SER A 112 -2.40 -0.70 -16.30
CA SER A 112 -1.85 -0.05 -17.48
C SER A 112 -0.39 -0.44 -17.70
N ALA A 113 -0.04 -0.63 -18.97
CA ALA A 113 1.36 -0.84 -19.34
C ALA A 113 2.18 0.45 -19.24
N GLY A 114 1.52 1.59 -19.06
CA GLY A 114 2.23 2.84 -18.89
C GLY A 114 2.75 3.40 -20.20
N PHE A 115 3.65 4.37 -20.06
CA PHE A 115 4.25 5.05 -21.19
C PHE A 115 5.34 4.19 -21.84
N PRO A 116 5.39 4.16 -23.18
CA PRO A 116 4.52 4.87 -24.13
C PRO A 116 3.39 4.00 -24.65
N TYR A 117 3.21 2.82 -24.05
CA TYR A 117 2.33 1.82 -24.63
C TYR A 117 0.87 2.27 -24.65
N LEU A 118 0.44 2.99 -23.61
CA LEU A 118 -0.95 3.44 -23.58
C LEU A 118 -1.27 4.42 -24.71
N LEU A 119 -0.26 5.09 -25.26
CA LEU A 119 -0.45 5.95 -26.42
C LEU A 119 -0.40 5.19 -27.74
N GLN A 120 -0.19 3.86 -27.69
CA GLN A 120 -0.06 3.05 -28.88
C GLN A 120 -1.17 1.99 -28.99
N GLY A 121 -2.20 2.07 -28.15
CA GLY A 121 -3.17 1.00 -28.09
C GLY A 121 -2.55 -0.33 -27.71
N LYS A 122 -1.50 -0.30 -26.90
CA LYS A 122 -0.75 -1.50 -26.54
C LYS A 122 -0.96 -1.78 -25.05
N LYS A 123 -1.30 -3.01 -24.72
CA LYS A 123 -1.59 -3.42 -23.36
C LYS A 123 -0.58 -4.47 -22.90
N LYS A 124 -0.63 -4.78 -21.60
CA LYS A 124 0.32 -5.73 -21.03
C LYS A 124 0.20 -7.10 -21.68
N ARG A 125 -1.02 -7.51 -22.03
CA ARG A 125 -1.20 -8.83 -22.62
C ARG A 125 -0.69 -8.92 -24.04
N ASP A 126 -0.42 -7.78 -24.69
CA ASP A 126 0.24 -7.81 -26.00
C ASP A 126 1.73 -8.11 -25.87
N ILE A 127 2.32 -7.84 -24.72
CA ILE A 127 3.71 -8.16 -24.45
C ILE A 127 3.83 -9.40 -23.57
N PHE A 128 2.99 -9.50 -22.54
CA PHE A 128 2.99 -10.63 -21.63
C PHE A 128 2.10 -11.75 -22.16
N ASN A 129 2.47 -12.99 -21.80
CA ASN A 129 1.67 -14.17 -22.16
C ASN A 129 1.95 -15.22 -21.07
N ARG A 130 1.10 -15.23 -20.04
CA ARG A 130 1.30 -16.14 -18.92
C ARG A 130 1.27 -17.60 -19.33
N HIS A 131 0.61 -17.92 -20.45
CA HIS A 131 0.55 -19.32 -20.87
C HIS A 131 1.89 -19.78 -21.42
N THR A 132 2.45 -19.04 -22.38
CA THR A 132 3.75 -19.39 -22.94
C THR A 132 4.92 -18.95 -22.07
N ARG A 133 4.69 -17.98 -21.18
CA ARG A 133 5.74 -17.38 -20.36
C ARG A 133 6.88 -16.83 -21.21
N ASP A 134 6.53 -16.32 -22.39
CA ASP A 134 7.51 -15.79 -23.34
C ASP A 134 8.14 -14.51 -22.81
N THR A 135 9.43 -14.33 -23.11
CA THR A 135 10.17 -13.14 -22.73
C THR A 135 10.70 -12.34 -23.91
N THR A 136 10.64 -12.87 -25.13
CA THR A 136 11.29 -12.22 -26.26
C THR A 136 10.69 -10.86 -26.56
N GLU A 137 9.36 -10.74 -26.44
CA GLU A 137 8.71 -9.46 -26.72
C GLU A 137 9.13 -8.41 -25.71
N MET A 138 9.17 -8.78 -24.43
CA MET A 138 9.59 -7.84 -23.39
C MET A 138 11.05 -7.41 -23.59
N THR A 139 11.90 -8.34 -24.02
CA THR A 139 13.30 -7.99 -24.28
C THR A 139 13.41 -6.94 -25.37
N LYS A 140 12.65 -7.12 -26.46
CA LYS A 140 12.66 -6.13 -27.53
C LYS A 140 12.08 -4.80 -27.06
N MET A 141 11.06 -4.84 -26.22
CA MET A 141 10.45 -3.61 -25.73
C MET A 141 11.39 -2.87 -24.78
N LEU A 142 12.15 -3.61 -23.97
CA LEU A 142 13.16 -2.98 -23.13
C LEU A 142 14.28 -2.36 -23.98
N GLU A 143 14.66 -3.04 -25.07
CA GLU A 143 15.70 -2.51 -25.94
C GLU A 143 15.22 -1.27 -26.68
N LYS A 144 13.95 -1.22 -27.05
CA LYS A 144 13.46 -0.14 -27.90
C LYS A 144 13.19 1.13 -27.10
N TYR A 145 12.48 1.02 -25.98
CA TYR A 145 12.07 2.19 -25.22
C TYR A 145 12.88 2.42 -23.95
N GLY A 146 13.70 1.47 -23.54
CA GLY A 146 14.63 1.70 -22.45
C GLY A 146 13.97 1.75 -21.07
N VAL A 147 14.66 2.43 -20.16
CA VAL A 147 14.23 2.58 -18.78
C VAL A 147 14.28 4.06 -18.41
N ASP A 148 13.98 4.35 -17.14
CA ASP A 148 13.84 5.72 -16.65
C ASP A 148 12.85 6.51 -17.50
N LEU A 149 11.64 5.91 -17.68
CA LEU A 149 10.52 6.44 -18.44
C LEU A 149 9.51 7.11 -17.51
N PRO A 150 8.73 8.07 -18.02
CA PRO A 150 7.81 8.82 -17.15
C PRO A 150 6.73 7.93 -16.56
N PHE A 151 6.18 8.37 -15.44
CA PHE A 151 4.98 7.80 -14.88
C PHE A 151 3.75 8.41 -15.55
N VAL A 152 2.64 7.67 -15.53
CA VAL A 152 1.37 8.15 -16.05
C VAL A 152 0.42 8.32 -14.87
N THR A 153 -0.04 9.55 -14.65
CA THR A 153 -0.89 9.88 -13.52
C THR A 153 -2.34 9.60 -13.87
N PHE A 154 -2.97 8.69 -13.13
CA PHE A 154 -4.40 8.43 -13.23
C PHE A 154 -5.08 8.83 -11.93
N VAL A 155 -6.27 9.41 -12.05
CA VAL A 155 -7.13 9.56 -10.87
C VAL A 155 -7.66 8.19 -10.49
N LYS A 156 -7.47 7.82 -9.22
CA LYS A 156 -7.89 6.50 -8.78
C LYS A 156 -9.41 6.43 -8.71
N ASP A 157 -10.00 5.52 -9.48
CA ASP A 157 -11.44 5.35 -9.56
C ASP A 157 -11.88 4.42 -8.44
N GLU A 158 -12.25 5.00 -7.30
CA GLU A 158 -12.55 4.24 -6.10
C GLU A 158 -13.62 4.97 -5.29
N LEU A 159 -14.16 4.29 -4.29
CA LEU A 159 -15.13 4.91 -3.39
C LEU A 159 -14.42 5.80 -2.39
N ARG A 160 -15.03 6.95 -2.12
CA ARG A 160 -14.50 7.90 -1.14
C ARG A 160 -15.65 8.42 -0.30
N SER A 161 -15.29 9.03 0.83
CA SER A 161 -16.30 9.61 1.70
C SER A 161 -16.97 10.80 1.02
N LYS A 162 -18.19 11.10 1.48
CA LYS A 162 -18.87 12.29 1.00
C LYS A 162 -18.05 13.54 1.26
N GLU A 163 -17.31 13.59 2.36
CA GLU A 163 -16.46 14.74 2.64
C GLU A 163 -15.35 14.86 1.60
N LYS A 164 -14.65 13.75 1.32
CA LYS A 164 -13.56 13.79 0.35
C LYS A 164 -14.05 13.94 -1.08
N VAL A 165 -15.33 13.64 -1.36
CA VAL A 165 -15.87 13.92 -2.69
C VAL A 165 -16.01 15.42 -2.88
N GLU A 166 -16.51 16.13 -1.86
CA GLU A 166 -16.75 17.56 -1.99
C GLU A 166 -15.44 18.34 -2.00
N LYS A 167 -14.48 17.92 -1.18
CA LYS A 167 -13.18 18.57 -1.12
C LYS A 167 -12.25 18.15 -2.25
N GLY A 168 -12.70 17.28 -3.16
CA GLY A 168 -11.89 16.86 -4.27
C GLY A 168 -10.65 16.07 -3.89
N LYS A 169 -10.65 15.43 -2.72
CA LYS A 169 -9.49 14.66 -2.26
C LYS A 169 -9.50 13.27 -2.87
N SER A 170 -9.45 13.23 -4.20
CA SER A 170 -9.26 11.98 -4.91
C SER A 170 -7.79 11.59 -4.90
N ARG A 171 -7.54 10.29 -4.87
CA ARG A 171 -6.18 9.78 -4.87
C ARG A 171 -5.70 9.58 -6.30
N LEU A 172 -4.38 9.54 -6.46
CA LEU A 172 -3.75 9.41 -7.77
C LEU A 172 -2.98 8.11 -7.86
N ILE A 173 -3.01 7.50 -9.04
CA ILE A 173 -2.16 6.36 -9.38
C ILE A 173 -1.07 6.86 -10.32
N GLU A 174 0.18 6.74 -9.89
CA GLU A 174 1.34 7.04 -10.73
C GLU A 174 1.85 5.71 -11.27
N ALA A 175 1.38 5.36 -12.46
CA ALA A 175 1.62 4.04 -13.04
C ALA A 175 2.97 4.02 -13.75
N SER A 176 3.87 3.16 -13.28
CA SER A 176 5.18 3.02 -13.92
C SER A 176 5.03 2.47 -15.32
N SER A 177 6.02 2.77 -16.16
CA SER A 177 6.13 2.10 -17.45
C SER A 177 6.41 0.63 -17.23
N LEU A 178 5.80 -0.21 -18.08
CA LEU A 178 6.03 -1.65 -18.01
C LEU A 178 7.52 -1.98 -18.00
N ASN A 179 8.32 -1.16 -18.69
CA ASN A 179 9.77 -1.38 -18.71
C ASN A 179 10.38 -1.19 -17.33
N ASP A 180 9.95 -0.15 -16.61
CA ASP A 180 10.54 0.13 -15.31
C ASP A 180 10.03 -0.79 -14.21
N SER A 181 8.79 -1.27 -14.32
CA SER A 181 8.30 -2.26 -13.36
C SER A 181 9.06 -3.57 -13.49
N VAL A 182 9.24 -4.05 -14.72
CA VAL A 182 9.94 -5.32 -14.94
C VAL A 182 11.41 -5.19 -14.57
N ALA A 183 12.07 -4.12 -15.05
CA ALA A 183 13.48 -3.94 -14.76
C ALA A 183 13.73 -3.80 -13.27
N MET A 184 12.83 -3.13 -12.55
CA MET A 184 12.98 -3.00 -11.10
C MET A 184 12.78 -4.35 -10.42
N ARG A 185 11.78 -5.11 -10.87
CA ARG A 185 11.57 -6.45 -10.31
C ARG A 185 12.76 -7.36 -10.58
N VAL A 186 13.46 -7.16 -11.70
CA VAL A 186 14.70 -7.89 -11.93
C VAL A 186 15.74 -7.53 -10.88
N ALA A 187 15.88 -6.23 -10.59
CA ALA A 187 16.95 -5.78 -9.70
C ALA A 187 16.67 -6.11 -8.24
N PHE A 188 15.41 -6.08 -7.81
CA PHE A 188 15.06 -6.25 -6.41
C PHE A 188 14.15 -7.45 -6.15
N GLY A 189 14.01 -8.35 -7.12
CA GLY A 189 13.07 -9.45 -6.97
C GLY A 189 13.34 -10.34 -5.76
N ASN A 190 14.62 -10.69 -5.56
CA ASN A 190 14.96 -11.54 -4.42
C ASN A 190 14.66 -10.85 -3.11
N LEU A 191 14.85 -9.53 -3.04
CA LEU A 191 14.49 -8.80 -1.83
C LEU A 191 12.98 -8.80 -1.61
N TYR A 192 12.21 -8.62 -2.68
CA TYR A 192 10.75 -8.70 -2.57
C TYR A 192 10.33 -10.06 -2.02
N ALA A 193 10.88 -11.14 -2.57
CA ALA A 193 10.52 -12.48 -2.14
C ALA A 193 10.85 -12.69 -0.67
N THR A 194 12.05 -12.28 -0.25
CA THR A 194 12.45 -12.42 1.14
C THR A 194 11.47 -11.71 2.07
N PHE A 195 11.12 -10.45 1.74
CA PHE A 195 10.15 -9.71 2.54
C PHE A 195 8.81 -10.43 2.58
N HIS A 196 8.32 -10.85 1.41
CA HIS A 196 6.99 -11.47 1.35
C HIS A 196 6.94 -12.76 2.15
N SER A 197 8.03 -13.52 2.15
CA SER A 197 8.09 -14.79 2.87
C SER A 197 8.52 -14.63 4.33
N ASN A 198 8.84 -13.42 4.77
CA ASN A 198 9.26 -13.17 6.15
C ASN A 198 8.54 -11.96 6.74
N PRO A 199 7.20 -11.97 6.79
CA PRO A 199 6.51 -10.91 7.51
C PRO A 199 6.79 -11.01 9.00
N GLY A 200 7.14 -9.89 9.61
CA GLY A 200 7.44 -9.90 11.03
C GLY A 200 8.23 -8.65 11.42
N THR A 201 8.98 -8.79 12.51
CA THR A 201 9.70 -7.67 13.12
C THR A 201 11.14 -7.55 12.67
N ALA A 202 11.66 -8.52 11.91
CA ALA A 202 12.95 -8.33 11.28
C ALA A 202 12.83 -7.45 10.04
N THR A 203 12.00 -7.86 9.09
CA THR A 203 11.65 -6.99 7.97
C THR A 203 10.88 -5.76 8.43
N GLY A 204 10.23 -5.83 9.59
CA GLY A 204 9.29 -4.80 9.97
C GLY A 204 8.19 -4.62 8.95
N SER A 205 7.78 -5.70 8.29
CA SER A 205 6.90 -5.64 7.14
C SER A 205 5.77 -6.66 7.28
N ALA A 206 4.61 -6.29 6.75
CA ALA A 206 3.48 -7.19 6.62
C ALA A 206 3.06 -7.35 5.16
N VAL A 207 3.86 -6.84 4.22
CA VAL A 207 3.53 -6.96 2.81
C VAL A 207 3.54 -8.43 2.40
N GLY A 208 2.53 -8.83 1.62
CA GLY A 208 2.44 -10.20 1.17
C GLY A 208 2.10 -11.19 2.26
N CYS A 209 1.45 -10.74 3.33
CA CYS A 209 1.08 -11.64 4.41
C CYS A 209 -0.36 -12.13 4.23
N ASP A 210 -0.72 -13.13 5.02
CA ASP A 210 -2.07 -13.67 5.06
C ASP A 210 -2.67 -13.31 6.42
N PRO A 211 -3.54 -12.30 6.50
CA PRO A 211 -4.13 -11.93 7.79
C PRO A 211 -4.69 -13.10 8.59
N ASP A 212 -5.32 -14.08 7.94
CA ASP A 212 -5.82 -15.24 8.65
C ASP A 212 -4.71 -15.93 9.43
N ILE A 213 -3.55 -16.13 8.79
CA ILE A 213 -2.43 -16.77 9.46
C ILE A 213 -1.68 -15.77 10.34
N PHE A 214 -1.26 -14.65 9.74
CA PHE A 214 -0.25 -13.78 10.33
C PHE A 214 -0.78 -12.98 11.52
N TRP A 215 -2.10 -12.82 11.65
CA TRP A 215 -2.64 -12.04 12.76
C TRP A 215 -2.33 -12.68 14.11
N SER A 216 -2.18 -14.00 14.14
CA SER A 216 -1.88 -14.67 15.41
C SER A 216 -0.45 -14.41 15.86
N LYS A 217 0.48 -14.26 14.92
CA LYS A 217 1.87 -13.99 15.27
C LYS A 217 2.09 -12.55 15.70
N ILE A 218 1.23 -11.63 15.29
CA ILE A 218 1.48 -10.20 15.54
C ILE A 218 1.60 -9.89 17.03
N PRO A 219 0.65 -10.27 17.90
CA PRO A 219 0.81 -9.93 19.33
C PRO A 219 1.97 -10.66 20.00
N ILE A 220 2.42 -11.80 19.45
CA ILE A 220 3.58 -12.46 20.00
C ILE A 220 4.84 -11.65 19.71
N LEU A 221 5.00 -11.22 18.46
CA LEU A 221 6.13 -10.37 18.09
C LEU A 221 6.08 -9.04 18.82
N LEU A 222 4.94 -8.35 18.73
CA LEU A 222 4.78 -7.04 19.38
C LEU A 222 4.20 -7.27 20.78
N ASP A 223 5.07 -7.75 21.66
CA ASP A 223 4.69 -8.23 22.98
C ASP A 223 4.88 -7.19 24.08
N GLY A 224 4.97 -5.91 23.73
CA GLY A 224 5.19 -4.88 24.73
C GLY A 224 4.13 -3.79 24.75
N GLU A 225 4.51 -2.57 25.09
CA GLU A 225 3.57 -1.46 25.14
C GLU A 225 3.31 -0.96 23.72
N ILE A 226 2.07 -1.15 23.24
CA ILE A 226 1.74 -0.87 21.84
C ILE A 226 1.54 0.63 21.64
N PHE A 227 1.85 1.09 20.42
CA PHE A 227 1.49 2.42 19.99
C PHE A 227 1.34 2.43 18.47
N ALA A 228 0.43 3.26 17.98
CA ALA A 228 0.22 3.42 16.55
C ALA A 228 -0.27 4.83 16.28
N PHE A 229 -0.34 5.20 15.01
CA PHE A 229 -0.72 6.55 14.63
C PHE A 229 -1.07 6.56 13.16
N ASP A 230 -1.51 7.73 12.68
CA ASP A 230 -1.88 7.93 11.29
C ASP A 230 -0.86 8.82 10.61
N TYR A 231 -0.78 8.67 9.28
CA TYR A 231 -0.07 9.60 8.42
C TYR A 231 -1.08 10.32 7.55
N THR A 232 -0.82 11.60 7.30
CA THR A 232 -1.56 12.36 6.28
C THR A 232 -0.66 12.52 5.07
N GLY A 233 -1.09 11.98 3.94
CA GLY A 233 -0.31 12.04 2.71
C GLY A 233 1.11 11.54 2.87
N TYR A 234 1.26 10.30 3.33
CA TYR A 234 2.58 9.75 3.63
C TYR A 234 3.48 9.74 2.41
N ASP A 235 3.06 9.04 1.34
CA ASP A 235 3.88 8.90 0.14
C ASP A 235 4.39 10.24 -0.35
N ALA A 236 3.47 11.18 -0.60
CA ALA A 236 3.85 12.46 -1.17
C ALA A 236 4.62 13.34 -0.19
N SER A 237 4.50 13.08 1.12
CA SER A 237 5.23 13.88 2.10
C SER A 237 6.70 13.51 2.19
N LEU A 238 7.11 12.38 1.64
CA LEU A 238 8.49 11.93 1.76
C LEU A 238 9.44 12.93 1.12
N SER A 239 10.37 13.44 1.91
CA SER A 239 11.44 14.28 1.38
C SER A 239 12.53 13.40 0.78
N PRO A 240 13.35 13.97 -0.12
CA PRO A 240 14.45 13.18 -0.70
C PRO A 240 15.38 12.55 0.33
N VAL A 241 15.55 13.17 1.49
CA VAL A 241 16.46 12.64 2.50
C VAL A 241 16.03 11.24 2.94
N TRP A 242 14.72 10.98 2.95
CA TRP A 242 14.25 9.63 3.29
C TRP A 242 14.63 8.63 2.21
N PHE A 243 14.62 9.05 0.94
CA PHE A 243 15.11 8.19 -0.13
C PHE A 243 16.61 7.98 -0.03
N ALA A 244 17.33 8.95 0.53
CA ALA A 244 18.77 8.77 0.76
C ALA A 244 19.03 7.73 1.83
N CYS A 245 18.24 7.75 2.91
CA CYS A 245 18.36 6.70 3.93
C CYS A 245 18.12 5.33 3.33
N LEU A 246 17.06 5.20 2.52
CA LEU A 246 16.76 3.93 1.87
C LEU A 246 17.92 3.47 0.99
N LYS A 247 18.53 4.39 0.24
CA LYS A 247 19.70 4.05 -0.55
C LYS A 247 20.81 3.49 0.33
N LYS A 248 21.09 4.16 1.45
CA LYS A 248 22.15 3.70 2.33
C LYS A 248 21.85 2.33 2.93
N VAL A 249 20.58 2.01 3.13
CA VAL A 249 20.22 0.66 3.56
C VAL A 249 20.54 -0.35 2.47
N LEU A 250 20.15 -0.04 1.23
CA LEU A 250 20.38 -0.96 0.12
C LEU A 250 21.87 -1.15 -0.13
N ILE A 251 22.66 -0.07 0.02
CA ILE A 251 24.10 -0.18 -0.19
C ILE A 251 24.73 -1.10 0.84
N LYS A 252 24.30 -1.00 2.10
CA LYS A 252 24.85 -1.85 3.14
C LYS A 252 24.45 -3.32 2.97
N LEU A 253 23.38 -3.60 2.22
CA LEU A 253 23.01 -4.98 1.91
C LEU A 253 23.75 -5.52 0.70
N GLY A 254 24.51 -4.70 -0.01
CA GLY A 254 25.28 -5.14 -1.17
C GLY A 254 24.87 -4.51 -2.48
N TYR A 255 23.81 -3.72 -2.54
CA TYR A 255 23.38 -3.13 -3.80
C TYR A 255 24.33 -2.03 -4.23
N THR A 256 24.52 -1.90 -5.55
CA THR A 256 25.44 -0.92 -6.11
C THR A 256 24.79 -0.05 -7.17
N HIS A 257 24.64 -0.58 -8.38
CA HIS A 257 24.05 0.18 -9.47
C HIS A 257 22.53 0.23 -9.43
N GLN A 258 21.90 -0.61 -8.61
CA GLN A 258 20.45 -0.67 -8.56
C GLN A 258 19.83 0.38 -7.64
N THR A 259 20.64 1.10 -6.86
CA THR A 259 20.13 2.27 -6.15
C THR A 259 19.60 3.33 -7.11
N SER A 260 19.95 3.24 -8.38
CA SER A 260 19.44 4.17 -9.39
C SER A 260 17.92 4.10 -9.49
N PHE A 261 17.33 2.94 -9.21
CA PHE A 261 15.87 2.84 -9.19
C PHE A 261 15.27 3.70 -8.09
N ILE A 262 15.99 3.89 -6.99
CA ILE A 262 15.48 4.73 -5.91
C ILE A 262 15.49 6.20 -6.31
N ASP A 263 16.55 6.63 -7.00
CA ASP A 263 16.53 7.96 -7.61
C ASP A 263 15.35 8.11 -8.57
N TYR A 264 15.02 7.04 -9.28
CA TYR A 264 13.93 7.06 -10.25
C TYR A 264 12.57 7.27 -9.59
N LEU A 265 12.43 6.86 -8.33
CA LEU A 265 11.21 7.09 -7.58
C LEU A 265 11.21 8.43 -6.86
N CYS A 266 12.37 8.87 -6.39
CA CYS A 266 12.46 10.14 -5.67
C CYS A 266 12.28 11.33 -6.62
N HIS A 267 13.10 11.40 -7.66
CA HIS A 267 13.05 12.47 -8.65
C HIS A 267 12.36 11.90 -9.89
N SER A 268 11.03 12.00 -9.91
CA SER A 268 10.20 11.26 -10.85
C SER A 268 9.54 12.19 -11.86
N VAL A 269 9.38 11.67 -13.08
CA VAL A 269 8.72 12.37 -14.18
C VAL A 269 7.32 11.79 -14.34
N HIS A 270 6.33 12.66 -14.50
CA HIS A 270 4.93 12.23 -14.54
C HIS A 270 4.22 12.86 -15.73
N LEU A 271 3.33 12.08 -16.34
CA LEU A 271 2.49 12.54 -17.44
C LEU A 271 1.04 12.58 -16.97
N TYR A 272 0.42 13.74 -17.11
CA TYR A 272 -0.99 13.92 -16.74
C TYR A 272 -1.61 14.89 -17.72
N LYS A 273 -2.65 14.45 -18.42
CA LYS A 273 -3.29 15.23 -19.50
C LYS A 273 -2.21 15.53 -20.53
N ASP A 274 -2.06 16.77 -20.98
CA ASP A 274 -0.99 17.17 -21.88
C ASP A 274 0.19 17.81 -21.15
N ARG A 275 0.37 17.44 -19.89
CA ARG A 275 1.36 18.05 -19.01
C ARG A 275 2.49 17.06 -18.72
N LYS A 276 3.63 17.60 -18.31
CA LYS A 276 4.77 16.80 -17.87
C LYS A 276 5.40 17.52 -16.69
N TYR A 277 5.21 16.97 -15.48
CA TYR A 277 5.70 17.62 -14.28
C TYR A 277 6.68 16.71 -13.55
N ILE A 278 7.67 17.32 -12.91
CA ILE A 278 8.73 16.63 -12.20
C ILE A 278 8.52 16.87 -10.71
N VAL A 279 8.57 15.80 -9.92
CA VAL A 279 8.42 15.87 -8.48
C VAL A 279 9.76 15.56 -7.83
N ASN A 280 10.20 16.44 -6.94
CA ASN A 280 11.40 16.21 -6.14
C ASN A 280 10.97 15.57 -4.82
N GLY A 281 11.20 14.27 -4.68
CA GLY A 281 10.73 13.53 -3.53
C GLY A 281 9.37 12.91 -3.79
N GLY A 282 8.81 12.33 -2.72
CA GLY A 282 7.53 11.68 -2.80
C GLY A 282 7.59 10.32 -3.46
N MET A 283 6.82 9.36 -2.96
CA MET A 283 6.81 8.01 -3.51
C MET A 283 5.65 7.84 -4.47
N PRO A 284 5.90 7.41 -5.70
CA PRO A 284 4.79 7.17 -6.64
C PRO A 284 3.96 5.96 -6.25
N SER A 285 2.65 6.08 -6.52
CA SER A 285 1.67 5.17 -5.93
C SER A 285 1.72 3.78 -6.55
N GLY A 286 1.87 3.71 -7.86
CA GLY A 286 1.68 2.47 -8.57
C GLY A 286 2.97 2.04 -9.25
N SER A 287 4.10 2.38 -8.66
CA SER A 287 5.38 1.81 -9.07
C SER A 287 5.52 0.43 -8.45
N SER A 288 6.17 -0.47 -9.18
CA SER A 288 6.57 -1.74 -8.60
C SER A 288 7.41 -1.47 -7.37
N GLY A 289 7.20 -2.28 -6.34
CA GLY A 289 7.96 -2.09 -5.12
C GLY A 289 7.63 -0.84 -4.34
N THR A 290 6.53 -0.14 -4.65
CA THR A 290 6.12 1.00 -3.84
C THR A 290 5.83 0.55 -2.40
N SER A 291 5.08 -0.53 -2.24
CA SER A 291 4.69 -0.99 -0.91
C SER A 291 5.91 -1.32 -0.06
N ILE A 292 6.88 -2.04 -0.64
CA ILE A 292 8.03 -2.50 0.13
C ILE A 292 8.95 -1.33 0.46
N PHE A 293 9.23 -0.46 -0.52
CA PHE A 293 10.13 0.65 -0.26
C PHE A 293 9.52 1.65 0.69
N ASN A 294 8.21 1.88 0.59
CA ASN A 294 7.53 2.69 1.61
C ASN A 294 7.56 1.99 2.97
N THR A 295 7.52 0.67 2.97
CA THR A 295 7.63 -0.08 4.22
C THR A 295 9.03 0.02 4.81
N MET A 296 10.05 -0.12 3.97
CA MET A 296 11.42 0.03 4.46
C MET A 296 11.70 1.44 4.95
N ILE A 297 11.16 2.44 4.25
CA ILE A 297 11.35 3.82 4.68
C ILE A 297 10.65 4.07 6.01
N ASN A 298 9.48 3.45 6.21
CA ASN A 298 8.78 3.59 7.49
C ASN A 298 9.62 3.02 8.63
N ASN A 299 10.31 1.89 8.38
CA ASN A 299 11.22 1.33 9.37
C ASN A 299 12.30 2.34 9.76
N ILE A 300 12.81 3.09 8.78
CA ILE A 300 13.83 4.09 9.05
C ILE A 300 13.23 5.26 9.81
N ILE A 301 11.99 5.63 9.49
CA ILE A 301 11.39 6.85 10.04
C ILE A 301 11.17 6.70 11.54
N ILE A 302 10.45 5.63 11.94
CA ILE A 302 10.12 5.45 13.35
C ILE A 302 11.39 5.39 14.18
N ARG A 303 12.35 4.56 13.75
CA ARG A 303 13.64 4.47 14.45
C ARG A 303 14.28 5.84 14.59
N THR A 304 14.30 6.62 13.50
CA THR A 304 14.87 7.95 13.55
C THR A 304 14.16 8.83 14.59
N LEU A 305 12.82 8.82 14.57
CA LEU A 305 12.08 9.64 15.52
C LEU A 305 12.31 9.18 16.95
N LEU A 306 12.31 7.86 17.19
CA LEU A 306 12.51 7.33 18.52
C LEU A 306 13.82 7.82 19.12
N ILE A 307 14.93 7.64 18.39
CA ILE A 307 16.24 8.08 18.88
C ILE A 307 16.23 9.57 19.17
N ARG A 308 15.50 10.34 18.35
CA ARG A 308 15.50 11.80 18.51
C ARG A 308 14.67 12.23 19.71
N VAL A 309 13.50 11.60 19.91
CA VAL A 309 12.61 12.02 21.00
C VAL A 309 13.09 11.47 22.33
N TYR A 310 13.31 10.15 22.40
CA TYR A 310 13.57 9.46 23.67
C TYR A 310 15.07 9.27 23.88
N LYS A 311 15.54 9.63 25.08
CA LYS A 311 16.96 9.81 25.34
C LYS A 311 17.77 8.52 25.20
N GLY A 312 17.47 7.49 25.99
CA GLY A 312 18.27 6.30 26.04
C GLY A 312 17.52 5.10 25.50
N ILE A 313 16.75 5.37 24.43
CA ILE A 313 16.01 4.30 23.77
C ILE A 313 16.99 3.22 23.36
N ASP A 314 16.53 1.97 23.44
CA ASP A 314 17.30 0.81 23.02
C ASP A 314 16.52 0.17 21.89
N LEU A 315 16.94 0.44 20.65
CA LEU A 315 16.22 -0.07 19.49
C LEU A 315 16.17 -1.59 19.45
N ASP A 316 17.12 -2.27 20.11
CA ASP A 316 17.07 -3.71 20.19
C ASP A 316 15.93 -4.21 21.09
N GLN A 317 15.27 -3.31 21.80
CA GLN A 317 14.02 -3.62 22.49
C GLN A 317 12.80 -3.13 21.72
N PHE A 318 13.02 -2.42 20.61
CA PHE A 318 11.94 -1.90 19.80
C PHE A 318 11.58 -2.87 18.68
N LYS A 319 10.29 -2.98 18.40
CA LYS A 319 9.79 -3.85 17.35
C LYS A 319 8.62 -3.16 16.65
N MET A 320 8.53 -3.36 15.34
CA MET A 320 7.43 -2.77 14.58
C MET A 320 7.12 -3.67 13.39
N ILE A 321 5.88 -3.54 12.92
CA ILE A 321 5.42 -4.16 11.68
C ILE A 321 4.67 -3.10 10.91
N ALA A 322 4.96 -2.96 9.62
CA ALA A 322 4.37 -1.89 8.83
C ALA A 322 4.03 -2.39 7.43
N TYR A 323 3.09 -1.69 6.80
CA TYR A 323 2.65 -1.96 5.44
C TYR A 323 2.43 -0.60 4.80
N GLY A 324 3.43 -0.15 4.04
CA GLY A 324 3.41 1.23 3.58
C GLY A 324 3.44 2.17 4.76
N ASP A 325 2.48 3.09 4.81
CA ASP A 325 2.39 4.03 5.92
C ASP A 325 1.77 3.42 7.17
N ASP A 326 0.97 2.36 7.02
CA ASP A 326 0.32 1.74 8.16
C ASP A 326 1.35 1.00 9.00
N VAL A 327 1.38 1.28 10.31
CA VAL A 327 2.39 0.71 11.19
C VAL A 327 1.77 0.36 12.55
N ILE A 328 2.15 -0.81 13.06
CA ILE A 328 1.89 -1.20 14.45
C ILE A 328 3.25 -1.42 15.10
N ALA A 329 3.44 -0.84 16.29
CA ALA A 329 4.76 -0.82 16.90
C ALA A 329 4.67 -1.14 18.38
N SER A 330 5.82 -1.52 18.96
CA SER A 330 5.89 -1.98 20.33
C SER A 330 7.22 -1.57 20.95
N TYR A 331 7.18 -1.27 22.25
CA TYR A 331 8.34 -1.00 23.07
C TYR A 331 8.01 -1.40 24.49
N PRO A 332 8.99 -1.86 25.28
CA PRO A 332 8.68 -2.27 26.66
C PRO A 332 8.05 -1.17 27.49
N HIS A 333 8.53 0.07 27.37
CA HIS A 333 7.94 1.21 28.06
C HIS A 333 7.02 1.95 27.11
N LYS A 334 6.03 2.64 27.69
CA LYS A 334 5.06 3.37 26.89
C LYS A 334 5.74 4.41 26.02
N ILE A 335 5.35 4.46 24.75
CA ILE A 335 5.82 5.47 23.80
C ILE A 335 4.62 6.31 23.38
N ASP A 336 4.78 7.63 23.44
CA ASP A 336 3.69 8.54 23.10
C ASP A 336 3.85 9.00 21.66
N PRO A 337 2.91 8.69 20.76
CA PRO A 337 3.08 9.10 19.36
C PRO A 337 2.96 10.60 19.15
N ALA A 338 2.31 11.32 20.08
CA ALA A 338 2.24 12.78 19.95
C ALA A 338 3.63 13.41 20.02
N LEU A 339 4.49 12.89 20.88
CA LEU A 339 5.87 13.36 20.94
C LEU A 339 6.63 12.98 19.67
N LEU A 340 6.38 11.77 19.15
CA LEU A 340 7.02 11.37 17.91
C LEU A 340 6.55 12.23 16.74
N ALA A 341 5.26 12.56 16.71
CA ALA A 341 4.73 13.41 15.64
C ALA A 341 5.37 14.79 15.68
N GLU A 342 5.59 15.33 16.89
CA GLU A 342 6.29 16.60 17.03
C GLU A 342 7.65 16.57 16.33
N ALA A 343 8.32 15.42 16.36
CA ALA A 343 9.60 15.28 15.69
C ALA A 343 9.43 15.02 14.20
N GLY A 344 8.37 14.30 13.82
CA GLY A 344 8.15 14.01 12.41
C GLY A 344 7.84 15.25 11.59
N LYS A 345 7.28 16.28 12.22
CA LYS A 345 7.03 17.52 11.51
C LYS A 345 8.34 18.24 11.18
N HIS A 346 9.36 18.07 12.03
CA HIS A 346 10.69 18.58 11.71
C HIS A 346 11.21 17.99 10.40
N TYR A 347 10.79 16.77 10.07
CA TYR A 347 11.20 16.10 8.85
C TYR A 347 10.16 16.18 7.74
N GLY A 348 9.10 16.97 7.94
CA GLY A 348 8.06 17.10 6.94
C GLY A 348 6.97 16.05 7.00
N LEU A 349 6.97 15.20 8.03
CA LEU A 349 5.95 14.16 8.17
C LEU A 349 4.79 14.68 9.00
N VAL A 350 3.58 14.32 8.60
CA VAL A 350 2.36 14.73 9.29
C VAL A 350 1.75 13.49 9.92
N MET A 351 2.02 13.31 11.20
CA MET A 351 1.53 12.18 11.98
C MET A 351 0.43 12.65 12.92
N THR A 352 -0.68 11.93 12.93
CA THR A 352 -1.89 12.28 13.67
C THR A 352 -2.40 11.05 14.41
N PRO A 353 -3.33 11.23 15.36
CA PRO A 353 -3.84 10.09 16.13
C PRO A 353 -4.34 8.96 15.25
N ALA A 354 -4.18 7.74 15.75
CA ALA A 354 -4.56 6.55 14.99
C ALA A 354 -6.04 6.61 14.61
N ASP A 355 -6.33 6.23 13.37
CA ASP A 355 -7.69 6.07 12.87
C ASP A 355 -8.52 7.32 13.10
N LYS A 356 -8.00 8.45 12.61
CA LYS A 356 -8.72 9.70 12.45
C LYS A 356 -9.29 10.24 13.76
N GLY A 357 -8.78 9.80 14.90
CA GLY A 357 -9.29 10.29 16.17
C GLY A 357 -8.98 11.76 16.39
N THR A 358 -9.75 12.36 17.31
CA THR A 358 -9.54 13.76 17.67
C THR A 358 -8.36 13.93 18.60
N SER A 359 -8.22 13.04 19.57
CA SER A 359 -7.19 13.14 20.60
C SER A 359 -6.18 12.01 20.42
N PHE A 360 -5.03 12.17 21.07
CA PHE A 360 -4.06 11.09 21.17
C PHE A 360 -4.36 10.29 22.44
N VAL A 361 -5.07 9.19 22.27
CA VAL A 361 -5.37 8.29 23.36
C VAL A 361 -4.47 7.07 23.27
N ASP A 362 -4.50 6.23 24.31
CA ASP A 362 -3.63 5.07 24.36
C ASP A 362 -4.07 4.01 23.36
N THR A 363 -3.11 3.21 22.92
CA THR A 363 -3.35 2.14 21.97
C THR A 363 -3.25 0.80 22.69
N ASN A 364 -4.27 -0.04 22.51
CA ASN A 364 -4.33 -1.36 23.13
C ASN A 364 -4.83 -2.35 22.09
N TRP A 365 -4.71 -3.64 22.42
CA TRP A 365 -5.08 -4.72 21.50
C TRP A 365 -6.57 -4.81 21.24
N GLU A 366 -7.37 -3.87 21.73
CA GLU A 366 -8.80 -3.86 21.48
C GLU A 366 -9.26 -2.71 20.58
N ASN A 367 -8.58 -1.57 20.62
CA ASN A 367 -8.89 -0.47 19.72
C ASN A 367 -8.00 -0.43 18.48
N VAL A 368 -6.83 -1.07 18.51
CA VAL A 368 -5.84 -0.90 17.46
C VAL A 368 -6.28 -1.64 16.20
N THR A 369 -5.97 -1.05 15.05
CA THR A 369 -6.23 -1.66 13.76
C THR A 369 -4.93 -1.72 12.97
N PHE A 370 -4.91 -2.64 12.01
CA PHE A 370 -3.79 -2.77 11.08
C PHE A 370 -4.35 -3.32 9.78
N LEU A 371 -4.15 -2.58 8.69
CA LEU A 371 -4.71 -2.92 7.38
C LEU A 371 -6.24 -2.91 7.44
N LYS A 372 -6.79 -1.98 8.21
CA LYS A 372 -8.23 -1.76 8.46
C LYS A 372 -8.82 -2.83 9.38
N ARG A 373 -8.06 -3.82 9.80
CA ARG A 373 -8.59 -4.96 10.54
C ARG A 373 -8.32 -4.82 12.03
N TYR A 374 -9.26 -5.32 12.83
CA TYR A 374 -9.11 -5.37 14.29
C TYR A 374 -8.49 -6.70 14.72
N PHE A 375 -8.12 -6.76 15.99
CA PHE A 375 -7.56 -7.96 16.60
C PHE A 375 -8.54 -8.46 17.67
N ARG A 376 -9.05 -9.66 17.48
CA ARG A 376 -9.96 -10.28 18.45
C ARG A 376 -9.61 -11.76 18.56
N ALA A 377 -9.27 -12.19 19.77
CA ALA A 377 -8.89 -13.59 19.98
C ALA A 377 -10.10 -14.50 19.85
N ASP A 378 -9.84 -15.75 19.49
CA ASP A 378 -10.90 -16.74 19.36
C ASP A 378 -11.37 -17.19 20.74
N ASP A 379 -12.60 -17.69 20.79
CA ASP A 379 -13.15 -18.15 22.06
C ASP A 379 -12.62 -19.52 22.44
N GLN A 380 -12.59 -20.45 21.49
CA GLN A 380 -12.09 -21.80 21.76
C GLN A 380 -10.57 -21.85 21.79
N TYR A 381 -9.91 -21.02 20.98
CA TYR A 381 -8.45 -20.97 20.90
C TYR A 381 -8.03 -19.52 21.02
N PRO A 382 -8.02 -18.96 22.24
CA PRO A 382 -7.66 -17.55 22.40
C PRO A 382 -6.26 -17.21 21.92
N PHE A 383 -5.39 -18.19 21.72
CA PHE A 383 -4.09 -17.92 21.11
C PHE A 383 -4.19 -17.68 19.61
N LEU A 384 -5.36 -17.89 19.01
CA LEU A 384 -5.61 -17.58 17.61
C LEU A 384 -6.39 -16.27 17.55
N ILE A 385 -5.82 -15.27 16.88
CA ILE A 385 -6.39 -13.93 16.82
C ILE A 385 -7.14 -13.78 15.50
N HIS A 386 -8.42 -13.41 15.58
CA HIS A 386 -9.20 -13.14 14.38
C HIS A 386 -8.82 -11.77 13.82
N PRO A 387 -8.52 -11.66 12.53
CA PRO A 387 -8.48 -10.33 11.88
C PRO A 387 -9.89 -9.91 11.52
N VAL A 388 -10.34 -8.80 12.10
CA VAL A 388 -11.75 -8.42 12.04
C VAL A 388 -11.85 -7.14 11.22
N MET A 389 -12.24 -7.28 9.97
CA MET A 389 -12.62 -6.14 9.14
C MET A 389 -14.03 -5.69 9.54
N PRO A 390 -14.23 -4.44 9.95
CA PRO A 390 -15.57 -3.99 10.32
C PRO A 390 -16.59 -4.27 9.23
N MET A 391 -17.78 -4.71 9.63
CA MET A 391 -18.85 -4.93 8.67
C MET A 391 -19.21 -3.65 7.93
N LYS A 392 -18.90 -2.49 8.49
CA LYS A 392 -19.14 -1.22 7.81
C LYS A 392 -18.40 -1.19 6.47
N GLU A 393 -17.10 -1.46 6.48
CA GLU A 393 -16.32 -1.45 5.24
C GLU A 393 -16.86 -2.48 4.25
N ILE A 394 -17.38 -3.60 4.75
CA ILE A 394 -17.91 -4.64 3.87
C ILE A 394 -19.24 -4.19 3.27
N HIS A 395 -20.01 -3.38 4.00
CA HIS A 395 -21.27 -2.86 3.46
C HIS A 395 -21.00 -1.77 2.42
N GLU A 396 -20.05 -0.87 2.71
CA GLU A 396 -19.67 0.15 1.75
C GLU A 396 -19.20 -0.45 0.44
N SER A 397 -18.56 -1.62 0.50
CA SER A 397 -17.98 -2.23 -0.69
C SER A 397 -19.02 -3.00 -1.49
N ILE A 398 -19.88 -3.75 -0.82
CA ILE A 398 -20.85 -4.59 -1.52
C ILE A 398 -21.89 -3.76 -2.27
N ARG A 399 -22.05 -2.49 -1.90
CA ARG A 399 -23.08 -1.64 -2.48
C ARG A 399 -22.75 -1.13 -3.88
N TRP A 400 -21.49 -1.23 -4.30
CA TRP A 400 -21.08 -0.76 -5.62
C TRP A 400 -20.37 -1.88 -6.37
N THR A 401 -20.28 -1.70 -7.69
CA THR A 401 -19.56 -2.65 -8.54
C THR A 401 -19.12 -1.95 -9.81
N LYS A 402 -17.99 -2.40 -10.34
CA LYS A 402 -17.52 -1.98 -11.66
C LYS A 402 -17.89 -2.96 -12.75
N ASP A 403 -18.18 -4.21 -12.39
CA ASP A 403 -18.54 -5.26 -13.35
C ASP A 403 -19.52 -6.18 -12.66
N PRO A 404 -20.81 -6.08 -12.96
CA PRO A 404 -21.80 -6.96 -12.31
C PRO A 404 -21.57 -8.43 -12.61
N ARG A 405 -20.75 -8.76 -13.62
CA ARG A 405 -20.41 -10.14 -13.89
C ARG A 405 -19.56 -10.73 -12.76
N ASN A 406 -18.78 -9.90 -12.06
CA ASN A 406 -17.89 -10.36 -11.02
C ASN A 406 -18.53 -10.35 -9.64
N THR A 407 -19.86 -10.25 -9.57
CA THR A 407 -20.55 -10.18 -8.28
C THR A 407 -20.22 -11.38 -7.41
N GLN A 408 -20.09 -12.56 -8.01
CA GLN A 408 -19.82 -13.77 -7.25
C GLN A 408 -18.46 -13.69 -6.55
N ASP A 409 -17.39 -13.50 -7.34
CA ASP A 409 -16.05 -13.36 -6.75
C ASP A 409 -16.03 -12.27 -5.70
N HIS A 410 -16.67 -11.14 -5.98
CA HIS A 410 -16.73 -10.03 -5.04
C HIS A 410 -17.33 -10.47 -3.70
N VAL A 411 -18.53 -11.05 -3.74
CA VAL A 411 -19.25 -11.40 -2.52
C VAL A 411 -18.48 -12.42 -1.70
N ARG A 412 -17.98 -13.48 -2.35
CA ARG A 412 -17.24 -14.50 -1.61
C ARG A 412 -15.94 -13.95 -1.05
N SER A 413 -15.28 -13.03 -1.76
CA SER A 413 -14.15 -12.32 -1.19
C SER A 413 -14.55 -11.64 0.11
N LEU A 414 -15.70 -10.97 0.10
CA LEU A 414 -16.21 -10.32 1.31
C LEU A 414 -16.62 -11.32 2.38
N CYS A 415 -16.94 -12.56 2.00
CA CYS A 415 -17.30 -13.56 2.99
C CYS A 415 -16.09 -14.07 3.73
N TYR A 416 -14.93 -14.11 3.07
CA TYR A 416 -13.69 -14.49 3.77
C TYR A 416 -13.32 -13.47 4.83
N LEU A 417 -13.74 -12.21 4.66
CA LEU A 417 -13.46 -11.17 5.63
C LEU A 417 -14.52 -11.05 6.70
N ALA A 418 -15.78 -11.33 6.36
CA ALA A 418 -16.89 -10.99 7.24
C ALA A 418 -17.07 -12.00 8.38
N TRP A 419 -16.84 -13.29 8.10
CA TRP A 419 -17.14 -14.31 9.10
C TRP A 419 -16.29 -14.17 10.36
N HIS A 420 -15.29 -13.30 10.35
CA HIS A 420 -14.49 -13.04 11.56
C HIS A 420 -15.21 -12.15 12.56
N ASN A 421 -16.32 -11.52 12.19
CA ASN A 421 -17.09 -10.71 13.11
C ASN A 421 -18.01 -11.54 14.00
N GLY A 422 -18.08 -12.85 13.79
CA GLY A 422 -18.90 -13.74 14.60
C GLY A 422 -19.96 -14.45 13.76
N GLU A 423 -20.67 -15.35 14.44
CA GLU A 423 -21.76 -16.07 13.79
C GLU A 423 -22.96 -15.14 13.55
N GLU A 424 -23.21 -14.22 14.48
CA GLU A 424 -24.36 -13.34 14.35
C GLU A 424 -24.22 -12.42 13.16
N ALA A 425 -23.11 -11.68 13.10
CA ALA A 425 -22.91 -10.76 11.98
C ALA A 425 -22.84 -11.49 10.65
N TYR A 426 -22.16 -12.64 10.61
CA TYR A 426 -21.94 -13.30 9.33
C TYR A 426 -23.25 -13.80 8.70
N ASN A 427 -24.16 -14.32 9.52
CA ASN A 427 -25.42 -14.85 8.98
C ASN A 427 -26.41 -13.74 8.69
N GLU A 428 -26.42 -12.69 9.51
CA GLU A 428 -27.17 -11.49 9.15
C GLU A 428 -26.74 -10.95 7.79
N PHE A 429 -25.42 -10.86 7.58
CA PHE A 429 -24.91 -10.42 6.29
C PHE A 429 -25.11 -11.48 5.22
N CYS A 430 -25.06 -12.77 5.59
CA CYS A 430 -25.35 -13.81 4.61
C CYS A 430 -26.84 -13.88 4.31
N ARG A 431 -27.69 -13.47 5.24
CA ARG A 431 -29.13 -13.52 5.00
C ARG A 431 -29.58 -12.35 4.14
N LYS A 432 -29.06 -11.14 4.41
CA LYS A 432 -29.44 -9.98 3.62
C LYS A 432 -29.04 -10.13 2.16
N ILE A 433 -27.93 -10.82 1.90
CA ILE A 433 -27.53 -11.06 0.51
C ILE A 433 -28.53 -11.96 -0.18
N ARG A 434 -28.88 -13.08 0.45
CA ARG A 434 -29.85 -14.01 -0.11
C ARG A 434 -31.27 -13.44 -0.12
N SER A 435 -31.47 -12.18 0.31
CA SER A 435 -32.79 -11.59 0.33
C SER A 435 -33.21 -11.05 -1.04
N VAL A 436 -32.33 -11.04 -2.03
CA VAL A 436 -32.68 -10.59 -3.38
C VAL A 436 -32.34 -11.70 -4.37
N PRO A 437 -33.02 -11.76 -5.52
CA PRO A 437 -32.78 -12.87 -6.47
C PRO A 437 -31.32 -13.07 -6.86
N VAL A 438 -30.55 -11.99 -6.96
CA VAL A 438 -29.15 -12.11 -7.35
C VAL A 438 -28.35 -12.82 -6.26
N GLY A 439 -28.74 -12.65 -5.00
CA GLY A 439 -28.03 -13.22 -3.87
C GLY A 439 -27.99 -14.74 -3.86
N ARG A 440 -29.16 -15.37 -3.68
CA ARG A 440 -29.20 -16.82 -3.48
C ARG A 440 -28.64 -17.60 -4.66
N ALA A 441 -28.57 -16.99 -5.85
CA ALA A 441 -27.92 -17.65 -6.97
C ALA A 441 -26.43 -17.82 -6.76
N LEU A 442 -25.84 -17.12 -5.79
CA LEU A 442 -24.43 -17.24 -5.48
C LEU A 442 -24.20 -18.40 -4.50
N THR A 443 -22.93 -18.78 -4.37
CA THR A 443 -22.51 -19.81 -3.43
C THR A 443 -21.86 -19.14 -2.23
N LEU A 444 -22.52 -19.21 -1.07
CA LEU A 444 -22.04 -18.55 0.14
C LEU A 444 -21.56 -19.59 1.13
N PRO A 445 -20.28 -19.60 1.49
CA PRO A 445 -19.79 -20.60 2.46
C PRO A 445 -20.42 -20.37 3.82
N ALA A 446 -20.62 -21.47 4.54
CA ALA A 446 -21.22 -21.39 5.86
C ALA A 446 -20.16 -21.05 6.90
N TYR A 447 -20.62 -20.43 7.99
CA TYR A 447 -19.75 -20.04 9.08
C TYR A 447 -18.92 -21.22 9.60
N SER A 448 -19.54 -22.39 9.72
CA SER A 448 -18.83 -23.55 10.26
C SER A 448 -17.78 -24.07 9.29
N SER A 449 -18.03 -23.95 7.98
CA SER A 449 -17.07 -24.45 7.00
C SER A 449 -15.85 -23.55 6.90
N LEU A 450 -16.06 -22.23 6.88
CA LEU A 450 -14.94 -21.30 6.85
C LEU A 450 -14.06 -21.48 8.09
N ARG A 451 -14.68 -21.70 9.24
CA ARG A 451 -13.93 -21.97 10.46
C ARG A 451 -13.11 -23.25 10.35
N ARG A 452 -13.67 -24.27 9.70
CA ARG A 452 -12.99 -25.55 9.57
C ARG A 452 -11.65 -25.39 8.88
N LYS A 453 -11.63 -24.70 7.74
CA LYS A 453 -10.37 -24.49 7.04
C LYS A 453 -9.46 -23.53 7.79
N TRP A 454 -10.04 -22.56 8.52
CA TRP A 454 -9.22 -21.58 9.23
C TRP A 454 -8.35 -22.25 10.28
N LEU A 455 -8.96 -23.13 11.10
CA LEU A 455 -8.22 -23.80 12.15
C LEU A 455 -7.37 -24.95 11.61
N ASP A 456 -7.70 -25.49 10.44
CA ASP A 456 -6.87 -26.53 9.84
C ASP A 456 -5.53 -25.97 9.34
N SER A 457 -5.41 -24.64 9.24
CA SER A 457 -4.19 -24.03 8.73
C SER A 457 -3.09 -23.92 9.77
N PHE A 458 -3.44 -23.95 11.06
CA PHE A 458 -2.44 -23.85 12.12
C PHE A 458 -1.88 -25.24 12.47
#